data_3NJV
#
_entry.id   3NJV
#
_cell.length_a   76.974
_cell.length_b   76.974
_cell.length_c   170.649
_cell.angle_alpha   90.00
_cell.angle_beta   90.00
_cell.angle_gamma   90.00
#
_symmetry.space_group_name_H-M   'P 43 21 2'
#
loop_
_entity.id
_entity.type
_entity.pdbx_description
1 polymer 'Rhamnogalacturonase B'
2 branched 'alpha-L-rhamnopyranose-(1-4)-beta-D-galactopyranuronic acid-(1-2)-alpha-L-rhamnopyranose-(1-4)-beta-D-galactopyranuronic acid-(1-2)-alpha-L-rhamnopyranose-(1-4)-beta-D-galactopyranuronic acid'
3 non-polymer 'CALCIUM ION'
4 non-polymer 'SULFATE ION'
5 water water
#
_entity_poly.entity_id   1
_entity_poly.type   'polypeptide(L)'
_entity_poly.pdbx_seq_one_letter_code
;AFGITTSSSAYVIDTNAPNQLKFTVSRSSCDITSIIHYGTELQYSSQGSHIGSGLGSATVTATQSGDYIKVTCVTDTLTQ
YMVVHNGDPIIHMATYITAEPSIGELRFIARLNSDLLPNEEPFGDVSTTADGTAIEGSDVFLVGSETRSAFYSSERFIDD
QRHCIAGDAHRVCMILNQYESSSGGPFHRDINSNNGGSYNALYWYMNSGHVQTESYRMGLHGPYSMYFSRSGTPSTSIDT
SFFADLDIKGYVAASGRGKVAGTASGADSSMDWVVHWYNDAAQYWTYTSSSGSFTSPAMKPGTYTMVYYQGEYAVATSSV
TVSAGSTTTKNISGSVKTGTTIFKIGEWDGQPTGFRNAANQLRMHPSDSRMSSWGPLTYTVGSSALTDFPMAVFKSVNNP
VTIKFTATSAQTGAATLRIGTTLSFAGGRPQATINSYTGSAPAAPTNLDSRGVTRGAYRGLGEVYDVSIPSGTIVAGTNT
ITINVISGSSGDTYLSPNFIFDCVELFQ
;
_entity_poly.pdbx_strand_id   A
#
loop_
_chem_comp.id
_chem_comp.type
_chem_comp.name
_chem_comp.formula
CA non-polymer 'CALCIUM ION' 'Ca 2'
GTR D-saccharide, beta linking 'beta-D-galactopyranuronic acid' 'C6 H10 O7'
RAM L-saccharide, alpha linking alpha-L-rhamnopyranose 'C6 H12 O5'
SO4 non-polymer 'SULFATE ION' 'O4 S -2'
#
# COMPACT_ATOMS: atom_id res chain seq x y z
N ALA A 1 -13.49 16.57 33.23
CA ALA A 1 -12.13 17.18 33.36
C ALA A 1 -11.09 16.32 32.68
N PHE A 2 -10.09 16.99 32.10
CA PHE A 2 -8.88 16.33 31.62
C PHE A 2 -8.26 15.52 32.75
N GLY A 3 -7.96 14.25 32.49
CA GLY A 3 -7.38 13.41 33.53
C GLY A 3 -7.60 11.92 33.44
N ILE A 4 -7.06 11.21 34.42
CA ILE A 4 -7.06 9.75 34.50
C ILE A 4 -7.93 9.32 35.68
N THR A 5 -8.86 8.42 35.38
CA THR A 5 -9.66 7.78 36.41
C THR A 5 -9.20 6.33 36.51
N THR A 6 -8.76 5.93 37.70
CA THR A 6 -8.20 4.62 37.94
C THR A 6 -9.19 3.71 38.68
N SER A 7 -9.29 2.47 38.22
CA SER A 7 -9.92 1.38 38.96
C SER A 7 -8.97 0.18 38.88
N SER A 8 -9.28 -0.89 39.62
CA SER A 8 -8.43 -2.07 39.64
C SER A 8 -8.21 -2.66 38.25
N SER A 9 -9.26 -2.64 37.44
CA SER A 9 -9.23 -3.27 36.13
C SER A 9 -8.94 -2.33 34.94
N ALA A 10 -9.04 -1.02 35.13
CA ALA A 10 -8.89 -0.08 34.00
C ALA A 10 -8.43 1.34 34.34
N TYR A 11 -7.92 2.03 33.31
CA TYR A 11 -7.76 3.47 33.33
C TYR A 11 -8.77 4.07 32.35
N VAL A 12 -9.53 5.06 32.82
CA VAL A 12 -10.40 5.86 31.95
C VAL A 12 -9.72 7.19 31.69
N ILE A 13 -9.36 7.41 30.43
CA ILE A 13 -8.68 8.63 29.98
C ILE A 13 -9.70 9.61 29.45
N ASP A 14 -9.69 10.84 29.99
CA ASP A 14 -10.61 11.89 29.53
C ASP A 14 -9.81 13.01 28.86
N THR A 15 -10.02 13.19 27.56
CA THR A 15 -9.26 14.15 26.75
C THR A 15 -9.73 15.59 26.97
N ASN A 16 -10.90 15.74 27.58
CA ASN A 16 -11.51 17.05 27.78
C ASN A 16 -11.76 17.83 26.47
N ALA A 17 -12.12 17.08 25.42
CA ALA A 17 -12.48 17.66 24.12
C ALA A 17 -13.87 18.30 24.18
N PRO A 18 -14.09 19.41 23.45
CA PRO A 18 -15.39 20.09 23.46
C PRO A 18 -16.59 19.15 23.27
N ASN A 19 -16.50 18.22 22.32
CA ASN A 19 -17.59 17.28 22.06
C ASN A 19 -17.48 15.95 22.80
N GLN A 20 -16.60 15.93 23.81
CA GLN A 20 -16.37 14.77 24.70
C GLN A 20 -15.71 13.58 24.03
N LEU A 21 -14.53 13.21 24.53
CA LEU A 21 -13.91 11.94 24.20
C LEU A 21 -13.22 11.35 25.42
N LYS A 22 -13.79 10.26 25.91
CA LYS A 22 -13.22 9.44 26.97
C LYS A 22 -13.05 8.04 26.41
N PHE A 23 -12.02 7.35 26.85
CA PHE A 23 -11.85 5.94 26.48
C PHE A 23 -11.25 5.12 27.63
N THR A 24 -11.63 3.85 27.68
CA THR A 24 -11.24 2.95 28.75
C THR A 24 -10.15 2.00 28.27
N VAL A 25 -9.04 2.01 28.99
CA VAL A 25 -7.91 1.12 28.71
C VAL A 25 -7.80 0.06 29.81
N SER A 26 -7.92 -1.21 29.41
CA SER A 26 -7.70 -2.33 30.33
C SER A 26 -6.27 -2.36 30.89
N ARG A 27 -6.17 -2.44 32.22
CA ARG A 27 -4.88 -2.54 32.88
C ARG A 27 -4.26 -3.94 32.78
N SER A 28 -5.06 -4.90 32.33
CA SER A 28 -4.56 -6.27 32.18
C SER A 28 -4.11 -6.61 30.76
N SER A 29 -4.82 -6.10 29.75
CA SER A 29 -4.53 -6.47 28.36
C SER A 29 -4.06 -5.30 27.48
N CYS A 30 -4.33 -4.08 27.94
CA CYS A 30 -4.19 -2.82 27.18
C CYS A 30 -5.24 -2.62 26.08
N ASP A 31 -6.26 -3.47 26.04
CA ASP A 31 -7.40 -3.28 25.13
C ASP A 31 -8.14 -1.98 25.39
N ILE A 32 -8.58 -1.31 24.33
CA ILE A 32 -9.56 -0.24 24.47
C ILE A 32 -10.94 -0.88 24.47
N THR A 33 -11.65 -0.78 25.59
CA THR A 33 -12.85 -1.56 25.81
C THR A 33 -14.12 -0.72 25.76
N SER A 34 -13.94 0.61 25.76
CA SER A 34 -15.03 1.57 25.70
C SER A 34 -14.50 2.88 25.16
N ILE A 35 -15.29 3.50 24.27
CA ILE A 35 -14.99 4.82 23.74
C ILE A 35 -16.27 5.63 23.74
N ILE A 36 -16.31 6.68 24.57
CA ILE A 36 -17.44 7.57 24.61
C ILE A 36 -17.12 8.86 23.85
N HIS A 37 -17.84 9.11 22.77
CA HIS A 37 -17.72 10.35 22.03
C HIS A 37 -19.10 10.99 21.92
N TYR A 38 -19.20 12.26 22.31
CA TYR A 38 -20.48 12.98 22.37
C TYR A 38 -21.58 12.15 23.03
N GLY A 39 -21.28 11.67 24.24
CA GLY A 39 -22.21 10.86 25.03
C GLY A 39 -22.53 9.48 24.49
N THR A 40 -21.84 9.06 23.44
CA THR A 40 -22.18 7.81 22.75
C THR A 40 -21.03 6.80 22.78
N GLU A 41 -21.35 5.57 23.17
CA GLU A 41 -20.42 4.45 23.09
C GLU A 41 -20.13 4.08 21.63
N LEU A 42 -18.84 4.00 21.28
CA LEU A 42 -18.46 3.67 19.89
C LEU A 42 -17.78 2.31 19.78
N GLN A 43 -17.28 1.79 20.89
CA GLN A 43 -16.46 0.61 20.89
C GLN A 43 -17.29 -0.67 20.84
N TYR A 44 -16.91 -1.59 19.95
CA TYR A 44 -17.45 -2.94 19.90
C TYR A 44 -17.23 -3.63 21.26
N SER A 45 -18.29 -4.22 21.82
CA SER A 45 -18.24 -4.69 23.21
C SER A 45 -17.69 -6.11 23.39
N SER A 46 -17.61 -6.88 22.31
CA SER A 46 -17.14 -8.26 22.39
C SER A 46 -15.62 -8.38 22.28
N GLN A 47 -15.03 -7.54 21.44
CA GLN A 47 -13.58 -7.49 21.26
C GLN A 47 -13.09 -6.06 21.41
N GLY A 48 -11.91 -5.90 22.01
CA GLY A 48 -11.32 -4.60 22.20
C GLY A 48 -10.68 -4.03 20.94
N SER A 49 -10.34 -2.75 21.00
CA SER A 49 -9.49 -2.12 19.99
C SER A 49 -8.07 -2.16 20.53
N HIS A 50 -7.14 -2.59 19.68
CA HIS A 50 -5.85 -3.01 20.16
C HIS A 50 -4.91 -3.23 19.00
N ILE A 51 -3.66 -3.54 19.34
CA ILE A 51 -2.68 -4.09 18.39
C ILE A 51 -3.10 -5.52 18.03
N GLY A 52 -3.08 -5.83 16.74
CA GLY A 52 -3.31 -7.19 16.24
C GLY A 52 -4.68 -7.74 16.58
N SER A 53 -4.71 -8.81 17.37
CA SER A 53 -5.95 -9.37 17.89
C SER A 53 -6.01 -9.18 19.40
N GLY A 54 -5.09 -8.37 19.90
CA GLY A 54 -4.95 -8.16 21.34
C GLY A 54 -3.53 -8.42 21.76
N LEU A 55 -3.05 -7.67 22.75
CA LEU A 55 -1.76 -7.95 23.35
C LEU A 55 -1.93 -9.08 24.36
N GLY A 56 -3.15 -9.27 24.83
CA GLY A 56 -3.46 -10.35 25.77
C GLY A 56 -3.18 -9.96 27.19
N SER A 57 -1.91 -9.79 27.52
CA SER A 57 -1.49 -9.27 28.82
C SER A 57 -0.42 -8.22 28.60
N ALA A 58 -0.43 -7.17 29.42
CA ALA A 58 0.53 -6.09 29.30
C ALA A 58 0.71 -5.40 30.63
N THR A 59 1.86 -4.75 30.83
CA THR A 59 2.08 -3.88 31.98
C THR A 59 1.65 -2.48 31.59
N VAL A 60 0.64 -1.96 32.29
CA VAL A 60 0.01 -0.71 31.89
C VAL A 60 0.24 0.37 32.95
N THR A 61 0.72 1.52 32.49
CA THR A 61 0.87 2.71 33.33
C THR A 61 0.18 3.87 32.61
N ALA A 62 -0.30 4.83 33.40
CA ALA A 62 -0.85 6.07 32.91
C ALA A 62 -0.26 7.23 33.70
N THR A 63 0.11 8.30 33.00
CA THR A 63 0.61 9.51 33.65
C THR A 63 0.19 10.79 32.92
N GLN A 64 0.06 11.86 33.67
CA GLN A 64 -0.13 13.17 33.09
C GLN A 64 1.21 13.89 33.04
N SER A 65 1.54 14.46 31.87
CA SER A 65 2.67 15.35 31.72
C SER A 65 2.14 16.67 31.17
N GLY A 66 1.82 17.60 32.07
CA GLY A 66 1.24 18.88 31.69
C GLY A 66 -0.14 18.72 31.10
N ASP A 67 -0.27 19.11 29.83
CA ASP A 67 -1.52 19.00 29.07
C ASP A 67 -1.59 17.70 28.28
N TYR A 68 -0.73 16.76 28.63
CA TYR A 68 -0.67 15.46 27.97
C TYR A 68 -0.88 14.33 28.96
N ILE A 69 -1.63 13.32 28.54
CA ILE A 69 -1.74 12.06 29.27
C ILE A 69 -1.16 10.96 28.39
N LYS A 70 -0.24 10.17 28.96
CA LYS A 70 0.41 9.08 28.27
C LYS A 70 0.06 7.76 28.92
N VAL A 71 -0.44 6.83 28.12
CA VAL A 71 -0.68 5.46 28.57
C VAL A 71 0.33 4.54 27.88
N THR A 72 1.05 3.76 28.68
CA THR A 72 2.12 2.89 28.19
C THR A 72 1.76 1.44 28.50
N CYS A 73 1.89 0.57 27.50
CA CYS A 73 1.62 -0.86 27.67
C CYS A 73 2.81 -1.69 27.23
N VAL A 74 3.43 -2.38 28.17
CA VAL A 74 4.65 -3.12 27.89
C VAL A 74 4.40 -4.62 27.80
N THR A 75 4.87 -5.21 26.70
CA THR A 75 4.97 -6.65 26.56
C THR A 75 6.44 -6.95 26.29
N ASP A 76 6.80 -8.23 26.15
CA ASP A 76 8.19 -8.62 25.94
C ASP A 76 8.86 -7.90 24.79
N THR A 77 8.23 -7.86 23.63
CA THR A 77 8.84 -7.28 22.43
C THR A 77 8.06 -6.07 21.85
N LEU A 78 7.01 -5.64 22.53
CA LEU A 78 6.18 -4.58 22.01
C LEU A 78 5.71 -3.65 23.12
N THR A 79 5.98 -2.36 22.94
CA THR A 79 5.36 -1.34 23.76
C THR A 79 4.36 -0.56 22.93
N GLN A 80 3.12 -0.54 23.41
CA GLN A 80 2.06 0.28 22.86
C GLN A 80 1.88 1.58 23.65
N TYR A 81 1.84 2.69 22.93
CA TYR A 81 1.63 4.01 23.53
C TYR A 81 0.33 4.66 23.08
N MET A 82 -0.38 5.28 24.02
CA MET A 82 -1.49 6.17 23.70
C MET A 82 -1.27 7.49 24.40
N VAL A 83 -1.40 8.58 23.64
CA VAL A 83 -1.17 9.91 24.16
C VAL A 83 -2.34 10.81 23.75
N VAL A 84 -2.87 11.57 24.71
CA VAL A 84 -3.88 12.57 24.39
C VAL A 84 -3.43 13.97 24.83
N HIS A 85 -3.97 14.97 24.16
CA HIS A 85 -3.70 16.36 24.50
C HIS A 85 -5.01 16.99 24.95
N ASN A 86 -4.95 17.72 26.06
CA ASN A 86 -6.11 18.43 26.61
C ASN A 86 -6.85 19.24 25.54
N GLY A 87 -8.14 18.96 25.39
CA GLY A 87 -8.98 19.72 24.45
C GLY A 87 -9.15 19.10 23.07
N ASP A 88 -8.36 18.06 22.77
CA ASP A 88 -8.37 17.44 21.45
C ASP A 88 -9.02 16.05 21.46
N PRO A 89 -10.00 15.83 20.56
CA PRO A 89 -10.67 14.52 20.42
C PRO A 89 -9.84 13.51 19.61
N ILE A 90 -8.60 13.28 20.05
CA ILE A 90 -7.66 12.44 19.30
C ILE A 90 -6.95 11.47 20.24
N ILE A 91 -6.88 10.20 19.83
CA ILE A 91 -6.01 9.24 20.48
C ILE A 91 -4.76 9.10 19.61
N HIS A 92 -3.69 9.77 20.04
CA HIS A 92 -2.40 9.63 19.38
C HIS A 92 -1.79 8.34 19.85
N MET A 93 -1.11 7.66 18.94
CA MET A 93 -0.50 6.38 19.26
C MET A 93 0.86 6.23 18.59
N ALA A 94 1.64 5.29 19.12
CA ALA A 94 2.91 4.90 18.56
C ALA A 94 3.22 3.51 19.08
N THR A 95 3.79 2.68 18.22
CA THR A 95 4.04 1.29 18.55
C THR A 95 5.51 0.93 18.39
N TYR A 96 6.16 0.65 19.51
CA TYR A 96 7.58 0.30 19.54
C TYR A 96 7.78 -1.22 19.59
N ILE A 97 8.40 -1.77 18.56
CA ILE A 97 8.70 -3.19 18.50
C ILE A 97 10.21 -3.47 18.49
N THR A 98 10.61 -4.55 19.17
CA THR A 98 11.99 -5.05 19.05
C THR A 98 12.02 -6.34 18.22
N ALA A 99 10.84 -6.88 17.98
CA ALA A 99 10.65 -8.04 17.10
C ALA A 99 9.28 -7.92 16.45
N GLU A 100 9.13 -8.56 15.29
CA GLU A 100 7.85 -8.62 14.62
C GLU A 100 6.93 -9.49 15.49
N PRO A 101 5.65 -9.09 15.65
CA PRO A 101 4.74 -9.97 16.37
C PRO A 101 4.65 -11.36 15.75
N SER A 102 4.37 -12.36 16.58
CA SER A 102 4.17 -13.76 16.16
C SER A 102 3.39 -13.92 14.86
N ILE A 103 2.35 -13.10 14.70
CA ILE A 103 1.45 -13.25 13.55
C ILE A 103 2.08 -12.86 12.20
N GLY A 104 3.21 -12.15 12.25
CA GLY A 104 3.93 -11.79 11.02
C GLY A 104 3.36 -10.57 10.33
N GLU A 105 2.59 -9.78 11.08
CA GLU A 105 2.15 -8.47 10.64
C GLU A 105 2.03 -7.57 11.88
N LEU A 106 2.03 -6.26 11.65
CA LEU A 106 1.84 -5.29 12.71
C LEU A 106 0.71 -4.37 12.32
N ARG A 107 -0.42 -4.48 13.02
CA ARG A 107 -1.57 -3.61 12.77
C ARG A 107 -2.13 -3.08 14.08
N PHE A 108 -2.74 -1.90 14.01
CA PHE A 108 -3.72 -1.48 15.00
C PHE A 108 -5.11 -1.61 14.36
N ILE A 109 -6.04 -2.17 15.13
CA ILE A 109 -7.43 -2.26 14.71
C ILE A 109 -8.37 -1.60 15.72
N ALA A 110 -9.17 -0.65 15.23
CA ALA A 110 -10.29 -0.12 15.99
C ALA A 110 -11.54 -0.86 15.57
N ARG A 111 -12.17 -1.53 16.52
CA ARG A 111 -13.40 -2.28 16.25
C ARG A 111 -14.58 -1.48 16.77
N LEU A 112 -15.27 -0.81 15.87
CA LEU A 112 -16.24 0.21 16.25
C LEU A 112 -17.66 -0.13 15.83
N ASN A 113 -18.62 0.42 16.55
CA ASN A 113 -20.05 0.24 16.28
C ASN A 113 -20.43 0.56 14.83
N SER A 114 -20.88 -0.48 14.11
CA SER A 114 -21.20 -0.37 12.69
C SER A 114 -22.57 0.25 12.40
N ASP A 115 -23.45 0.27 13.41
CA ASP A 115 -24.75 0.93 13.27
C ASP A 115 -24.57 2.46 13.26
N LEU A 116 -23.68 2.94 14.14
CA LEU A 116 -23.34 4.36 14.20
C LEU A 116 -22.25 4.77 13.19
N LEU A 117 -21.37 3.83 12.83
CA LEU A 117 -20.32 4.08 11.83
C LEU A 117 -20.35 3.08 10.65
N PRO A 118 -21.43 3.11 9.84
CA PRO A 118 -21.56 2.13 8.75
C PRO A 118 -20.66 2.35 7.53
N ASN A 119 -20.32 3.61 7.25
CA ASN A 119 -19.63 3.96 6.01
C ASN A 119 -18.10 3.91 6.12
N GLU A 120 -17.46 3.83 4.96
CA GLU A 120 -16.01 3.73 4.86
C GLU A 120 -15.52 4.80 3.88
N GLU A 121 -14.49 5.54 4.27
CA GLU A 121 -14.01 6.69 3.50
C GLU A 121 -12.52 6.60 3.23
N PRO A 122 -12.07 6.97 2.01
CA PRO A 122 -12.84 7.61 0.94
C PRO A 122 -13.47 6.70 -0.12
N PHE A 123 -13.33 5.38 0.00
CA PHE A 123 -13.69 4.49 -1.12
C PHE A 123 -15.10 3.85 -1.11
N GLY A 124 -15.84 4.05 -0.02
CA GLY A 124 -17.21 3.54 0.07
C GLY A 124 -17.35 2.08 0.46
N ASP A 125 -18.42 1.46 -0.01
CA ASP A 125 -18.85 0.14 0.46
C ASP A 125 -18.13 -1.05 -0.21
N VAL A 126 -17.12 -0.74 -1.02
CA VAL A 126 -16.29 -1.76 -1.69
C VAL A 126 -15.54 -2.66 -0.70
N SER A 127 -15.36 -2.19 0.52
CA SER A 127 -14.73 -2.97 1.58
C SER A 127 -15.72 -3.42 2.65
N THR A 128 -17.00 -3.13 2.42
CA THR A 128 -18.08 -3.64 3.26
C THR A 128 -18.42 -5.07 2.82
N THR A 129 -17.98 -6.03 3.64
CA THR A 129 -18.18 -7.45 3.40
C THR A 129 -19.33 -8.01 4.25
N ALA A 130 -20.04 -7.12 4.96
CA ALA A 130 -21.19 -7.52 5.78
C ALA A 130 -22.21 -8.29 4.96
N ASP A 131 -22.64 -9.44 5.50
CA ASP A 131 -23.61 -10.36 4.87
C ASP A 131 -23.03 -11.03 3.62
N GLY A 132 -21.72 -11.00 3.50
CA GLY A 132 -21.02 -11.57 2.36
C GLY A 132 -20.71 -13.04 2.57
N THR A 133 -20.66 -13.77 1.46
CA THR A 133 -20.27 -15.17 1.45
C THR A 133 -18.90 -15.25 0.79
N ALA A 134 -17.96 -15.92 1.46
CA ALA A 134 -16.58 -15.97 0.99
C ALA A 134 -16.48 -16.62 -0.37
N ILE A 135 -15.70 -16.01 -1.25
CA ILE A 135 -15.42 -16.60 -2.57
C ILE A 135 -13.95 -16.88 -2.75
N GLU A 136 -13.13 -16.27 -1.90
CA GLU A 136 -11.68 -16.51 -1.94
C GLU A 136 -11.12 -16.39 -0.53
N GLY A 137 -10.39 -17.43 -0.12
CA GLY A 137 -9.93 -17.57 1.27
C GLY A 137 -11.06 -17.24 2.23
N SER A 138 -10.78 -16.38 3.19
CA SER A 138 -11.84 -15.79 3.99
C SER A 138 -11.69 -14.26 4.00
N ASP A 139 -11.29 -13.70 2.86
CA ASP A 139 -11.02 -12.26 2.79
C ASP A 139 -11.65 -11.55 1.58
N VAL A 140 -12.22 -12.32 0.65
CA VAL A 140 -12.98 -11.76 -0.48
C VAL A 140 -14.35 -12.40 -0.46
N PHE A 141 -15.39 -11.56 -0.51
CA PHE A 141 -16.77 -12.01 -0.33
C PHE A 141 -17.65 -11.57 -1.49
N LEU A 142 -18.78 -12.26 -1.67
CA LEU A 142 -19.86 -11.79 -2.53
C LEU A 142 -20.99 -11.23 -1.66
N VAL A 143 -21.27 -9.95 -1.84
CA VAL A 143 -22.44 -9.33 -1.23
C VAL A 143 -23.45 -9.06 -2.34
N GLY A 144 -24.48 -9.89 -2.38
CA GLY A 144 -25.42 -9.89 -3.50
C GLY A 144 -24.70 -10.40 -4.73
N SER A 145 -24.57 -9.55 -5.73
CA SER A 145 -23.80 -9.92 -6.92
C SER A 145 -22.49 -9.14 -7.02
N GLU A 146 -22.19 -8.38 -5.97
CA GLU A 146 -20.95 -7.58 -5.94
C GLU A 146 -19.88 -8.20 -5.05
N THR A 147 -18.66 -8.32 -5.58
CA THR A 147 -17.52 -8.83 -4.82
C THR A 147 -16.96 -7.75 -3.90
N ARG A 148 -16.43 -8.16 -2.75
CA ARG A 148 -16.01 -7.22 -1.70
C ARG A 148 -14.82 -7.73 -0.90
N SER A 149 -13.98 -6.80 -0.45
CA SER A 149 -12.83 -7.15 0.36
C SER A 149 -12.35 -5.96 1.17
N ALA A 150 -11.91 -6.23 2.40
CA ALA A 150 -11.21 -5.27 3.23
C ALA A 150 -10.05 -4.64 2.44
N PHE A 151 -9.49 -5.42 1.52
CA PHE A 151 -8.39 -4.99 0.67
C PHE A 151 -8.76 -3.88 -0.31
N TYR A 152 -10.04 -3.78 -0.66
CA TYR A 152 -10.51 -2.77 -1.62
C TYR A 152 -10.63 -1.37 -1.02
N SER A 153 -10.28 -1.24 0.27
CA SER A 153 -10.16 0.06 0.92
C SER A 153 -8.74 0.62 0.80
N SER A 154 -7.82 -0.21 0.32
CA SER A 154 -6.40 0.11 0.30
C SER A 154 -6.03 1.30 -0.60
N GLU A 155 -4.89 1.89 -0.29
CA GLU A 155 -4.40 3.08 -0.96
C GLU A 155 -2.89 3.07 -0.85
N ARG A 156 -2.20 3.58 -1.86
CA ARG A 156 -0.76 3.71 -1.81
C ARG A 156 -0.40 4.55 -0.59
N PHE A 157 0.57 4.06 0.17
CA PHE A 157 0.97 4.69 1.43
C PHE A 157 1.39 6.15 1.26
N ILE A 158 1.95 6.48 0.09
CA ILE A 158 2.32 7.86 -0.24
C ILE A 158 1.09 8.78 -0.33
N ASP A 159 -0.08 8.20 -0.60
CA ASP A 159 -1.32 8.95 -0.75
C ASP A 159 -2.32 8.67 0.38
N ASP A 160 -1.85 7.99 1.42
CA ASP A 160 -2.71 7.52 2.50
C ASP A 160 -2.39 8.21 3.82
N GLN A 161 -2.66 9.52 3.87
CA GLN A 161 -2.52 10.29 5.11
C GLN A 161 -3.78 10.25 5.97
N ARG A 162 -4.90 9.91 5.34
CA ARG A 162 -6.17 9.80 6.05
C ARG A 162 -7.12 8.80 5.42
N HIS A 163 -7.74 8.00 6.27
CA HIS A 163 -8.91 7.23 5.89
C HIS A 163 -9.80 7.09 7.11
N CYS A 164 -11.10 6.91 6.90
CA CYS A 164 -12.04 6.98 8.00
C CYS A 164 -13.16 5.97 7.88
N ILE A 165 -13.90 5.85 8.97
CA ILE A 165 -15.23 5.27 8.95
C ILE A 165 -16.15 6.32 9.54
N ALA A 166 -17.44 6.24 9.21
CA ALA A 166 -18.36 7.35 9.46
C ALA A 166 -19.82 6.93 9.42
N GLY A 167 -20.64 7.74 10.09
CA GLY A 167 -22.10 7.65 10.01
C GLY A 167 -22.63 9.07 10.05
N ASP A 168 -23.92 9.24 10.28
CA ASP A 168 -24.48 10.60 10.23
C ASP A 168 -24.22 11.47 11.47
N ALA A 169 -23.69 10.87 12.53
CA ALA A 169 -23.46 11.61 13.76
C ALA A 169 -22.02 11.50 14.28
N HIS A 170 -21.24 10.58 13.73
CA HIS A 170 -19.85 10.37 14.14
C HIS A 170 -18.95 10.04 12.96
N ARG A 171 -17.68 10.44 13.06
CA ARG A 171 -16.64 10.05 12.13
C ARG A 171 -15.35 9.76 12.92
N VAL A 172 -14.70 8.66 12.57
CA VAL A 172 -13.43 8.27 13.17
C VAL A 172 -12.39 8.07 12.06
N CYS A 173 -11.32 8.88 12.11
CA CYS A 173 -10.29 8.86 11.08
C CYS A 173 -8.95 8.43 11.61
N MET A 174 -8.18 7.74 10.76
CA MET A 174 -6.76 7.55 11.00
C MET A 174 -5.99 8.65 10.28
N ILE A 175 -5.13 9.35 11.01
CA ILE A 175 -4.25 10.39 10.45
C ILE A 175 -2.82 9.88 10.47
N LEU A 176 -2.23 9.75 9.28
CA LEU A 176 -1.00 8.99 9.11
C LEU A 176 0.11 9.76 8.39
N ASN A 177 0.96 10.42 9.18
CA ASN A 177 2.04 11.23 8.63
C ASN A 177 3.44 10.68 8.88
N GLN A 178 3.52 9.43 9.32
CA GLN A 178 4.82 8.81 9.61
C GLN A 178 4.89 7.31 9.29
N TYR A 179 5.26 7.02 8.04
CA TYR A 179 5.38 5.65 7.54
C TYR A 179 6.81 5.10 7.58
N GLU A 180 7.73 5.81 8.22
CA GLU A 180 9.16 5.49 8.20
C GLU A 180 9.54 4.05 8.59
N SER A 181 8.77 3.43 9.49
CA SER A 181 9.09 2.08 9.97
C SER A 181 8.33 0.98 9.24
N SER A 182 7.47 1.37 8.30
CA SER A 182 6.75 0.42 7.47
C SER A 182 7.66 -0.20 6.42
N SER A 183 7.13 -1.18 5.68
CA SER A 183 7.89 -1.87 4.65
C SER A 183 7.18 -1.74 3.30
N GLY A 184 7.93 -1.88 2.21
CA GLY A 184 7.36 -1.92 0.87
C GLY A 184 7.43 -0.65 0.05
N GLY A 185 7.94 0.43 0.64
CA GLY A 185 8.11 1.69 -0.07
C GLY A 185 6.82 2.45 -0.29
N PRO A 186 6.86 3.54 -1.08
CA PRO A 186 5.76 4.50 -1.23
C PRO A 186 4.49 3.94 -1.85
N PHE A 187 4.63 2.87 -2.62
CA PHE A 187 3.52 2.36 -3.41
C PHE A 187 2.88 1.13 -2.78
N HIS A 188 3.39 0.72 -1.64
CA HIS A 188 2.73 -0.28 -0.81
C HIS A 188 1.36 0.23 -0.36
N ARG A 189 0.36 -0.64 -0.55
CA ARG A 189 -0.99 -0.38 -0.06
C ARG A 189 -1.37 -1.49 0.91
N ASP A 190 -2.37 -1.23 1.75
CA ASP A 190 -2.81 -2.22 2.71
C ASP A 190 -4.23 -1.97 3.18
N ILE A 191 -4.77 -2.91 3.97
CA ILE A 191 -6.12 -2.81 4.50
C ILE A 191 -6.29 -1.55 5.34
N ASN A 192 -7.33 -0.78 5.03
CA ASN A 192 -7.64 0.47 5.73
C ASN A 192 -8.89 0.41 6.60
N SER A 193 -9.96 -0.21 6.08
CA SER A 193 -11.20 -0.39 6.83
C SER A 193 -11.99 -1.58 6.30
N ASN A 194 -13.00 -2.00 7.06
CA ASN A 194 -13.79 -3.16 6.75
C ASN A 194 -15.01 -3.24 7.66
N ASN A 195 -16.18 -2.93 7.09
CA ASN A 195 -17.45 -3.19 7.73
C ASN A 195 -17.80 -4.64 7.41
N GLY A 196 -17.50 -5.53 8.35
CA GLY A 196 -17.57 -6.97 8.13
C GLY A 196 -18.81 -7.69 8.64
N GLY A 197 -19.74 -6.94 9.24
CA GLY A 197 -20.98 -7.52 9.73
C GLY A 197 -21.27 -7.34 11.21
N SER A 198 -20.24 -7.44 12.04
CA SER A 198 -20.40 -7.31 13.49
C SER A 198 -20.03 -5.91 13.97
N TYR A 199 -19.08 -5.30 13.27
CA TYR A 199 -18.57 -3.97 13.59
C TYR A 199 -17.87 -3.44 12.33
N ASN A 200 -17.50 -2.16 12.34
CA ASN A 200 -16.70 -1.58 11.27
C ASN A 200 -15.27 -1.42 11.80
N ALA A 201 -14.33 -2.07 11.12
CA ALA A 201 -12.94 -2.04 11.52
C ALA A 201 -12.22 -0.89 10.82
N LEU A 202 -11.47 -0.12 11.61
CA LEU A 202 -10.58 0.92 11.09
C LEU A 202 -9.16 0.55 11.47
N TYR A 203 -8.27 0.61 10.49
CA TYR A 203 -6.93 0.06 10.64
C TYR A 203 -5.82 1.05 10.39
N TRP A 204 -4.66 0.72 10.95
CA TRP A 204 -3.40 1.03 10.30
C TRP A 204 -2.55 -0.23 10.31
N TYR A 205 -2.24 -0.72 9.11
CA TYR A 205 -1.28 -1.81 8.94
C TYR A 205 0.11 -1.22 8.81
N MET A 206 0.78 -1.08 9.95
CA MET A 206 2.20 -0.67 10.01
C MET A 206 3.09 -1.54 9.12
N ASN A 207 2.92 -2.86 9.19
CA ASN A 207 3.44 -3.76 8.17
C ASN A 207 2.58 -5.02 8.02
N SER A 208 2.78 -5.75 6.94
CA SER A 208 2.04 -6.96 6.65
C SER A 208 2.78 -7.78 5.61
N GLY A 209 2.32 -9.02 5.42
CA GLY A 209 2.80 -9.87 4.33
C GLY A 209 1.90 -9.75 3.10
N HIS A 210 1.12 -8.67 3.02
CA HIS A 210 0.26 -8.43 1.87
C HIS A 210 1.09 -7.78 0.78
N VAL A 211 1.47 -8.56 -0.23
CA VAL A 211 2.32 -8.10 -1.34
C VAL A 211 3.54 -7.34 -0.78
N GLN A 212 4.30 -8.03 0.07
CA GLN A 212 5.44 -7.44 0.76
C GLN A 212 6.74 -7.67 0.00
N THR A 213 7.45 -6.56 -0.25
CA THR A 213 8.66 -6.59 -1.05
C THR A 213 9.90 -6.39 -0.18
N GLU A 214 9.69 -6.06 1.10
CA GLU A 214 10.79 -5.73 2.00
C GLU A 214 10.75 -6.45 3.32
N SER A 215 11.93 -6.57 3.92
CA SER A 215 12.06 -6.97 5.31
C SER A 215 11.34 -5.99 6.21
N TYR A 216 10.91 -6.49 7.36
CA TYR A 216 10.25 -5.67 8.35
C TYR A 216 11.25 -4.78 9.06
N ARG A 217 10.76 -3.65 9.56
CA ARG A 217 11.61 -2.73 10.30
C ARG A 217 11.17 -2.66 11.75
N MET A 218 12.16 -2.56 12.63
N MET A 218 12.14 -2.63 12.66
CA MET A 218 11.95 -2.52 14.08
CA MET A 218 11.81 -2.51 14.09
C MET A 218 12.05 -1.07 14.57
C MET A 218 11.96 -1.07 14.56
N GLY A 219 11.80 -0.86 15.87
CA GLY A 219 11.80 0.47 16.45
C GLY A 219 10.40 1.03 16.52
N LEU A 220 10.30 2.36 16.53
CA LEU A 220 9.02 3.03 16.72
C LEU A 220 8.23 3.20 15.41
N HIS A 221 7.01 2.66 15.42
CA HIS A 221 6.08 2.85 14.32
C HIS A 221 5.13 3.98 14.68
N GLY A 222 4.88 4.85 13.71
CA GLY A 222 4.11 6.06 13.95
C GLY A 222 5.01 7.21 14.37
N PRO A 223 4.44 8.23 15.05
CA PRO A 223 3.06 8.33 15.53
C PRO A 223 1.96 8.22 14.48
N TYR A 224 0.82 7.72 14.95
CA TYR A 224 -0.43 7.76 14.22
C TYR A 224 -1.50 8.29 15.14
N SER A 225 -2.52 8.91 14.54
CA SER A 225 -3.58 9.55 15.31
C SER A 225 -4.98 9.11 14.88
N MET A 226 -5.76 8.67 15.86
CA MET A 226 -7.16 8.34 15.61
C MET A 226 -8.05 9.49 16.13
N TYR A 227 -8.60 10.23 15.18
CA TYR A 227 -9.42 11.42 15.42
C TYR A 227 -10.90 11.04 15.53
N PHE A 228 -11.62 11.74 16.41
CA PHE A 228 -13.05 11.50 16.63
C PHE A 228 -13.84 12.77 16.39
N SER A 229 -14.67 12.76 15.35
CA SER A 229 -15.50 13.91 14.97
C SER A 229 -16.99 13.63 15.15
N ARG A 230 -17.78 14.70 15.18
CA ARG A 230 -19.23 14.59 15.09
C ARG A 230 -19.58 14.52 13.61
N SER A 231 -19.55 15.67 12.92
CA SER A 231 -19.78 15.68 11.48
C SER A 231 -18.66 16.32 10.68
N GLY A 232 -17.65 16.83 11.37
CA GLY A 232 -16.48 17.41 10.71
C GLY A 232 -15.55 16.36 10.13
N THR A 233 -14.63 16.80 9.28
CA THR A 233 -13.60 15.94 8.73
C THR A 233 -12.26 16.55 9.08
N PRO A 234 -11.44 15.83 9.88
CA PRO A 234 -10.22 16.42 10.39
C PRO A 234 -9.19 16.66 9.31
N SER A 235 -8.44 17.75 9.44
CA SER A 235 -7.29 18.01 8.58
C SER A 235 -6.22 16.96 8.87
N THR A 236 -5.35 16.71 7.90
CA THR A 236 -4.23 15.80 8.12
C THR A 236 -3.03 16.53 8.77
N SER A 237 -3.13 17.84 8.92
CA SER A 237 -2.11 18.61 9.65
C SER A 237 -2.34 18.48 11.15
N ILE A 238 -1.74 17.45 11.73
CA ILE A 238 -1.85 17.20 13.16
C ILE A 238 -0.46 17.09 13.76
N ASP A 239 -0.12 18.03 14.63
CA ASP A 239 1.19 18.09 15.27
C ASP A 239 1.36 16.94 16.26
N THR A 240 2.41 16.14 16.08
CA THR A 240 2.74 15.07 17.04
C THR A 240 4.09 15.28 17.72
N SER A 241 4.69 16.44 17.54
CA SER A 241 6.06 16.69 17.99
C SER A 241 6.24 16.65 19.52
N PHE A 242 5.13 16.84 20.24
CA PHE A 242 5.10 16.67 21.69
C PHE A 242 5.48 15.28 22.17
N PHE A 243 5.52 14.30 21.25
CA PHE A 243 6.08 12.98 21.56
C PHE A 243 7.55 13.05 22.02
N ALA A 244 8.23 14.15 21.68
CA ALA A 244 9.64 14.39 22.06
C ALA A 244 9.84 14.49 23.56
N ASP A 245 8.80 14.90 24.27
CA ASP A 245 8.88 15.20 25.70
C ASP A 245 8.35 14.06 26.59
N LEU A 246 7.98 12.94 25.96
CA LEU A 246 7.31 11.86 26.70
C LEU A 246 8.10 10.56 26.83
N ASP A 247 9.41 10.62 26.59
CA ASP A 247 10.31 9.45 26.69
C ASP A 247 9.80 8.22 25.93
N ILE A 248 9.32 8.44 24.71
CA ILE A 248 8.79 7.37 23.87
C ILE A 248 9.97 6.57 23.30
N LYS A 249 10.00 5.27 23.57
CA LYS A 249 11.10 4.43 23.12
C LYS A 249 11.18 4.40 21.60
N GLY A 250 12.40 4.54 21.08
CA GLY A 250 12.64 4.58 19.64
C GLY A 250 12.27 5.89 18.96
N TYR A 251 11.72 6.84 19.72
CA TYR A 251 11.32 8.13 19.15
C TYR A 251 12.52 9.02 18.90
N VAL A 252 12.66 9.44 17.64
CA VAL A 252 13.70 10.40 17.27
C VAL A 252 13.01 11.71 16.92
N ALA A 253 13.37 12.76 17.66
CA ALA A 253 12.71 14.06 17.53
C ALA A 253 13.26 14.83 16.34
N ALA A 254 12.58 15.93 15.99
CA ALA A 254 13.02 16.84 14.93
C ALA A 254 14.53 17.16 14.95
N SER A 255 15.06 17.50 16.12
CA SER A 255 16.47 17.86 16.26
C SER A 255 17.43 16.70 16.02
N GLY A 256 16.91 15.48 16.06
CA GLY A 256 17.70 14.29 15.76
C GLY A 256 17.69 13.91 14.30
N ARG A 257 17.06 14.73 13.46
CA ARG A 257 16.87 14.40 12.05
C ARG A 257 17.55 15.38 11.10
N GLY A 258 17.74 14.94 9.85
CA GLY A 258 18.26 15.77 8.78
C GLY A 258 17.46 15.48 7.53
N LYS A 259 17.83 16.12 6.42
CA LYS A 259 17.09 15.97 5.17
C LYS A 259 17.99 15.75 3.95
N VAL A 260 17.35 15.38 2.84
CA VAL A 260 17.94 15.41 1.51
C VAL A 260 17.08 16.33 0.62
N ALA A 261 17.73 17.31 0.00
CA ALA A 261 17.07 18.18 -0.96
C ALA A 261 17.83 18.18 -2.30
N GLY A 262 17.12 18.49 -3.36
CA GLY A 262 17.73 18.58 -4.67
C GLY A 262 16.69 18.60 -5.76
N THR A 263 17.15 18.26 -6.97
CA THR A 263 16.31 18.26 -8.14
C THR A 263 16.49 16.95 -8.89
N ALA A 264 15.36 16.31 -9.22
CA ALA A 264 15.36 15.14 -10.07
C ALA A 264 15.10 15.59 -11.50
N SER A 265 15.74 14.94 -12.48
CA SER A 265 15.59 15.33 -13.89
C SER A 265 15.71 14.17 -14.86
N GLY A 266 15.10 14.33 -16.04
CA GLY A 266 15.29 13.42 -17.16
C GLY A 266 14.17 12.45 -17.47
N ALA A 267 13.37 12.13 -16.45
CA ALA A 267 12.27 11.17 -16.59
C ALA A 267 11.10 11.75 -17.41
N ASP A 268 10.11 10.91 -17.65
CA ASP A 268 8.90 11.25 -18.39
C ASP A 268 8.04 12.27 -17.63
N SER A 269 7.90 13.46 -18.20
CA SER A 269 7.24 14.58 -17.52
C SER A 269 5.73 14.51 -17.58
N SER A 270 5.20 13.50 -18.27
CA SER A 270 3.77 13.24 -18.29
C SER A 270 3.35 12.47 -17.03
N MET A 271 4.34 12.07 -16.24
CA MET A 271 4.09 11.28 -15.03
C MET A 271 4.53 12.05 -13.80
N ASP A 272 3.89 11.73 -12.67
CA ASP A 272 4.32 12.17 -11.36
C ASP A 272 5.68 11.58 -11.08
N TRP A 273 6.55 12.36 -10.42
CA TRP A 273 7.86 11.85 -10.02
C TRP A 273 7.96 11.68 -8.50
N VAL A 274 8.60 10.59 -8.10
CA VAL A 274 8.74 10.27 -6.68
C VAL A 274 10.21 9.98 -6.34
N VAL A 275 10.69 10.56 -5.25
CA VAL A 275 11.99 10.22 -4.70
C VAL A 275 11.79 9.43 -3.41
N HIS A 276 12.49 8.30 -3.33
CA HIS A 276 12.31 7.33 -2.28
C HIS A 276 13.68 7.03 -1.67
N TRP A 277 13.76 7.09 -0.34
CA TRP A 277 14.97 6.74 0.40
C TRP A 277 14.66 5.62 1.37
N TYR A 278 15.55 4.63 1.43
CA TYR A 278 15.37 3.54 2.38
C TYR A 278 16.69 2.92 2.85
N ASN A 279 16.64 2.38 4.05
CA ASN A 279 17.60 1.40 4.54
C ASN A 279 16.89 0.49 5.53
N ASP A 280 17.63 -0.40 6.18
CA ASP A 280 17.04 -1.38 7.11
C ASP A 280 16.32 -0.76 8.28
N ALA A 281 16.62 0.51 8.55
CA ALA A 281 16.10 1.21 9.71
C ALA A 281 14.85 2.03 9.40
N ALA A 282 14.84 2.69 8.24
CA ALA A 282 13.76 3.61 7.89
C ALA A 282 13.55 3.79 6.38
N GLN A 283 12.33 4.16 6.00
CA GLN A 283 11.98 4.50 4.61
C GLN A 283 11.24 5.84 4.54
N TYR A 284 11.59 6.63 3.52
CA TYR A 284 10.99 7.95 3.33
C TYR A 284 10.75 8.18 1.86
N TRP A 285 9.85 9.10 1.57
CA TRP A 285 9.53 9.44 0.19
C TRP A 285 8.95 10.83 0.09
N THR A 286 8.94 11.33 -1.15
CA THR A 286 8.27 12.58 -1.47
C THR A 286 7.99 12.64 -2.97
N TYR A 287 6.85 13.23 -3.31
CA TYR A 287 6.64 13.70 -4.66
C TYR A 287 7.61 14.85 -4.91
N THR A 288 8.06 15.00 -6.14
CA THR A 288 8.77 16.20 -6.55
C THR A 288 7.77 17.17 -7.15
N SER A 289 8.16 18.44 -7.28
CA SER A 289 7.39 19.41 -8.04
C SER A 289 7.54 19.10 -9.54
N SER A 290 6.79 19.81 -10.37
CA SER A 290 6.87 19.63 -11.82
C SER A 290 8.23 20.05 -12.39
N SER A 291 8.99 20.84 -11.64
CA SER A 291 10.35 21.20 -12.02
C SER A 291 11.39 20.21 -11.52
N GLY A 292 10.93 19.15 -10.84
CA GLY A 292 11.81 18.12 -10.32
C GLY A 292 12.33 18.36 -8.90
N SER A 293 12.04 19.54 -8.36
CA SER A 293 12.49 19.89 -7.00
C SER A 293 11.84 19.01 -5.94
N PHE A 294 12.63 18.66 -4.93
CA PHE A 294 12.14 17.88 -3.80
C PHE A 294 12.89 18.25 -2.53
N THR A 295 12.22 18.09 -1.39
CA THR A 295 12.87 18.08 -0.08
C THR A 295 12.28 16.89 0.66
N SER A 296 13.15 16.04 1.19
CA SER A 296 12.72 14.86 1.92
C SER A 296 11.99 15.25 3.20
N PRO A 297 11.16 14.34 3.74
CA PRO A 297 10.70 14.50 5.12
C PRO A 297 11.90 14.53 6.07
N ALA A 298 11.68 14.87 7.33
CA ALA A 298 12.73 14.79 8.35
C ALA A 298 13.15 13.33 8.53
N MET A 299 14.41 13.05 8.23
CA MET A 299 14.96 11.68 8.18
C MET A 299 15.92 11.35 9.34
N LYS A 300 15.84 10.12 9.83
CA LYS A 300 16.84 9.62 10.75
C LYS A 300 18.21 9.57 10.04
N PRO A 301 19.28 9.92 10.77
CA PRO A 301 20.61 9.86 10.18
C PRO A 301 20.98 8.47 9.70
N GLY A 302 21.90 8.40 8.75
CA GLY A 302 22.36 7.14 8.22
C GLY A 302 22.51 7.20 6.72
N THR A 303 22.83 6.07 6.13
CA THR A 303 23.07 5.98 4.69
C THR A 303 21.90 5.29 4.02
N TYR A 304 21.41 5.88 2.93
CA TYR A 304 20.17 5.44 2.31
C TYR A 304 20.34 5.17 0.83
N THR A 305 19.66 4.14 0.34
CA THR A 305 19.47 3.96 -1.09
C THR A 305 18.42 4.97 -1.54
N MET A 306 18.72 5.67 -2.62
CA MET A 306 17.88 6.73 -3.15
C MET A 306 17.38 6.38 -4.55
N VAL A 307 16.06 6.39 -4.73
CA VAL A 307 15.42 5.96 -5.97
C VAL A 307 14.52 7.06 -6.54
N TYR A 308 14.56 7.21 -7.85
CA TYR A 308 13.80 8.21 -8.60
C TYR A 308 12.82 7.48 -9.49
N TYR A 309 11.53 7.70 -9.27
CA TYR A 309 10.48 7.06 -10.07
C TYR A 309 9.79 8.05 -10.99
N GLN A 310 9.44 7.56 -12.19
CA GLN A 310 8.37 8.17 -12.98
C GLN A 310 7.16 7.24 -12.79
N GLY A 311 6.12 7.73 -12.16
CA GLY A 311 5.04 6.86 -11.71
C GLY A 311 5.58 5.95 -10.62
N GLU A 312 5.55 4.64 -10.87
CA GLU A 312 6.12 3.66 -9.96
C GLU A 312 7.30 2.89 -10.59
N TYR A 313 7.89 3.47 -11.63
CA TYR A 313 9.00 2.86 -12.39
C TYR A 313 10.32 3.55 -12.07
N ALA A 314 11.26 2.82 -11.48
CA ALA A 314 12.55 3.38 -11.07
C ALA A 314 13.42 3.71 -12.29
N VAL A 315 13.76 4.98 -12.46
CA VAL A 315 14.61 5.39 -13.59
C VAL A 315 16.08 5.59 -13.22
N ALA A 316 16.33 5.78 -11.91
CA ALA A 316 17.69 5.91 -11.37
C ALA A 316 17.74 5.53 -9.89
N THR A 317 18.91 5.06 -9.47
CA THR A 317 19.15 4.71 -8.08
C THR A 317 20.50 5.28 -7.66
N SER A 318 20.61 5.65 -6.38
CA SER A 318 21.79 6.28 -5.88
C SER A 318 21.92 6.05 -4.39
N SER A 319 22.97 6.59 -3.79
CA SER A 319 23.20 6.49 -2.35
C SER A 319 23.42 7.88 -1.75
N VAL A 320 22.92 8.09 -0.54
CA VAL A 320 23.05 9.38 0.15
C VAL A 320 23.15 9.18 1.68
N THR A 321 23.92 10.04 2.35
CA THR A 321 24.05 10.03 3.80
C THR A 321 23.36 11.25 4.42
N VAL A 322 22.65 11.02 5.52
CA VAL A 322 21.95 12.09 6.23
C VAL A 322 22.57 12.32 7.62
N SER A 323 22.73 13.60 7.97
CA SER A 323 23.25 14.02 9.27
C SER A 323 22.17 14.81 10.00
N ALA A 324 22.08 14.62 11.31
CA ALA A 324 21.14 15.38 12.13
C ALA A 324 21.42 16.87 12.05
N GLY A 325 20.38 17.64 11.72
CA GLY A 325 20.41 19.09 11.74
C GLY A 325 20.94 19.74 10.47
N SER A 326 21.18 18.95 9.44
CA SER A 326 21.64 19.51 8.16
C SER A 326 20.93 18.87 6.97
N THR A 327 20.92 19.61 5.86
CA THR A 327 20.35 19.11 4.61
C THR A 327 21.46 18.71 3.64
N THR A 328 21.40 17.46 3.18
CA THR A 328 22.30 16.98 2.14
C THR A 328 21.71 17.35 0.79
N THR A 329 22.46 18.13 0.01
CA THR A 329 22.05 18.46 -1.35
C THR A 329 22.49 17.34 -2.28
N LYS A 330 21.50 16.74 -2.95
CA LYS A 330 21.73 15.55 -3.77
C LYS A 330 20.73 15.53 -4.92
N ASN A 331 21.23 15.75 -6.14
CA ASN A 331 20.42 15.65 -7.32
C ASN A 331 20.37 14.21 -7.82
N ILE A 332 19.39 13.93 -8.66
CA ILE A 332 19.23 12.62 -9.24
C ILE A 332 18.62 12.78 -10.63
N SER A 333 19.14 12.02 -11.59
CA SER A 333 18.63 12.08 -12.95
C SER A 333 18.64 10.69 -13.58
N GLY A 334 17.87 10.55 -14.65
CA GLY A 334 17.77 9.29 -15.37
C GLY A 334 16.51 9.21 -16.21
N SER A 335 16.47 8.22 -17.08
CA SER A 335 15.34 8.02 -17.99
C SER A 335 15.29 6.56 -18.44
N VAL A 336 14.11 6.18 -18.94
CA VAL A 336 13.87 4.88 -19.53
C VAL A 336 14.45 4.88 -20.94
N LYS A 337 15.37 3.96 -21.20
CA LYS A 337 15.93 3.79 -22.54
C LYS A 337 15.43 2.52 -23.17
N THR A 338 14.97 2.63 -24.41
CA THR A 338 14.56 1.47 -25.19
C THR A 338 15.30 1.51 -26.51
N GLY A 339 14.65 2.02 -27.55
CA GLY A 339 15.26 2.20 -28.86
C GLY A 339 14.24 2.80 -29.81
N THR A 340 14.37 2.52 -31.11
CA THR A 340 13.38 2.99 -32.07
C THR A 340 12.18 2.06 -31.98
N THR A 341 11.03 2.64 -31.67
CA THR A 341 9.85 1.87 -31.33
C THR A 341 9.04 1.50 -32.56
N ILE A 342 8.73 0.21 -32.67
CA ILE A 342 7.80 -0.29 -33.66
C ILE A 342 6.39 -0.14 -33.10
N PHE A 343 6.13 -0.76 -31.94
CA PHE A 343 4.92 -0.47 -31.18
C PHE A 343 5.18 -0.46 -29.67
N LYS A 344 4.28 0.19 -28.95
CA LYS A 344 4.34 0.30 -27.50
C LYS A 344 2.92 0.17 -26.98
N ILE A 345 2.72 -0.75 -26.03
CA ILE A 345 1.42 -0.94 -25.39
C ILE A 345 1.52 -0.53 -23.91
N GLY A 346 0.80 0.53 -23.56
CA GLY A 346 0.85 1.11 -22.21
C GLY A 346 2.07 2.01 -22.04
N GLU A 347 2.34 2.41 -20.80
CA GLU A 347 3.45 3.32 -20.51
C GLU A 347 4.39 2.75 -19.44
N TRP A 348 5.63 3.23 -19.43
CA TRP A 348 6.60 2.79 -18.44
C TRP A 348 6.41 3.56 -17.13
N ASP A 349 5.36 3.18 -16.40
CA ASP A 349 5.00 3.85 -15.14
C ASP A 349 4.86 2.89 -13.96
N GLY A 350 5.23 1.63 -14.17
CA GLY A 350 5.19 0.61 -13.10
C GLY A 350 3.79 0.25 -12.63
N GLN A 351 2.81 0.45 -13.50
CA GLN A 351 1.41 0.24 -13.18
C GLN A 351 0.69 -0.37 -14.38
N PRO A 352 -0.43 -1.10 -14.15
CA PRO A 352 -1.29 -1.55 -15.25
C PRO A 352 -2.17 -0.44 -15.80
N THR A 353 -1.84 0.80 -15.46
CA THR A 353 -2.62 1.99 -15.85
C THR A 353 -3.05 1.99 -17.33
N GLY A 354 -4.36 2.06 -17.54
CA GLY A 354 -4.92 2.18 -18.89
C GLY A 354 -5.37 0.87 -19.52
N PHE A 355 -4.88 -0.25 -18.98
CA PHE A 355 -5.21 -1.57 -19.51
C PHE A 355 -6.64 -1.93 -19.10
N ARG A 356 -7.18 -2.97 -19.74
CA ARG A 356 -8.51 -3.47 -19.44
C ARG A 356 -8.60 -3.96 -17.99
N ASN A 357 -9.59 -3.42 -17.26
CA ASN A 357 -9.90 -3.78 -15.86
C ASN A 357 -8.96 -3.20 -14.79
N ALA A 358 -7.97 -2.42 -15.21
CA ALA A 358 -7.00 -1.82 -14.28
C ALA A 358 -7.65 -0.97 -13.18
N ALA A 359 -8.59 -0.10 -13.57
CA ALA A 359 -9.28 0.77 -12.61
C ALA A 359 -10.23 0.02 -11.66
N ASN A 360 -10.94 -0.98 -12.19
CA ASN A 360 -11.81 -1.86 -11.41
C ASN A 360 -11.06 -2.74 -10.40
N GLN A 361 -9.91 -3.26 -10.83
CA GLN A 361 -9.11 -4.22 -10.03
C GLN A 361 -8.74 -3.71 -8.64
N LEU A 362 -8.61 -2.39 -8.52
CA LEU A 362 -8.28 -1.75 -7.25
C LEU A 362 -9.41 -1.84 -6.25
N ARG A 363 -10.63 -1.98 -6.78
CA ARG A 363 -11.85 -1.86 -5.96
C ARG A 363 -12.81 -3.04 -6.11
N MET A 364 -12.42 -4.06 -6.89
CA MET A 364 -13.22 -5.29 -7.01
C MET A 364 -12.41 -6.51 -7.41
N HIS A 365 -13.03 -7.68 -7.28
CA HIS A 365 -12.42 -8.96 -7.61
C HIS A 365 -12.53 -9.21 -9.11
N PRO A 366 -11.51 -9.86 -9.72
CA PRO A 366 -11.52 -10.19 -11.15
C PRO A 366 -12.71 -11.04 -11.61
N SER A 367 -13.39 -11.71 -10.70
CA SER A 367 -14.57 -12.51 -11.02
C SER A 367 -15.85 -11.67 -11.09
N ASP A 368 -15.81 -10.46 -10.53
CA ASP A 368 -16.94 -9.54 -10.57
C ASP A 368 -17.54 -9.41 -11.97
N SER A 369 -18.86 -9.51 -12.07
CA SER A 369 -19.58 -9.39 -13.34
C SER A 369 -19.42 -8.02 -14.00
N ARG A 370 -18.97 -7.03 -13.23
CA ARG A 370 -18.76 -5.68 -13.78
C ARG A 370 -17.43 -5.54 -14.53
N MET A 371 -16.53 -6.50 -14.33
CA MET A 371 -15.29 -6.60 -15.10
C MET A 371 -15.63 -6.81 -16.57
N SER A 372 -14.82 -6.21 -17.45
CA SER A 372 -14.86 -6.54 -18.87
C SER A 372 -14.19 -7.89 -19.05
N SER A 373 -14.48 -8.56 -20.16
CA SER A 373 -13.96 -9.89 -20.44
C SER A 373 -12.45 -9.94 -20.30
N TRP A 374 -11.94 -11.02 -19.72
CA TRP A 374 -10.50 -11.19 -19.57
C TRP A 374 -9.84 -11.72 -20.84
N GLY A 375 -10.64 -12.36 -21.69
CA GLY A 375 -10.16 -12.98 -22.92
C GLY A 375 -10.12 -14.49 -22.85
N PRO A 376 -9.23 -15.14 -23.62
CA PRO A 376 -8.19 -14.58 -24.48
C PRO A 376 -8.68 -13.54 -25.47
N LEU A 377 -7.95 -12.44 -25.54
CA LEU A 377 -8.22 -11.31 -26.44
C LEU A 377 -7.07 -11.18 -27.42
N THR A 378 -7.40 -10.84 -28.67
CA THR A 378 -6.38 -10.48 -29.65
C THR A 378 -6.28 -8.97 -29.69
N TYR A 379 -5.10 -8.45 -29.38
CA TYR A 379 -4.84 -7.03 -29.47
C TYR A 379 -4.17 -6.76 -30.82
N THR A 380 -4.86 -6.01 -31.67
CA THR A 380 -4.31 -5.62 -32.96
C THR A 380 -3.79 -4.20 -32.81
N VAL A 381 -2.49 -4.05 -33.02
CA VAL A 381 -1.85 -2.74 -32.91
C VAL A 381 -2.35 -1.87 -34.07
N GLY A 382 -2.92 -0.72 -33.74
CA GLY A 382 -3.43 0.20 -34.76
C GLY A 382 -4.94 0.27 -34.81
N SER A 383 -5.61 -0.80 -34.38
CA SER A 383 -7.06 -0.80 -34.28
C SER A 383 -7.53 -0.87 -32.83
N SER A 384 -7.01 -1.84 -32.06
CA SER A 384 -7.38 -2.01 -30.64
C SER A 384 -6.99 -0.83 -29.77
N ALA A 385 -7.84 -0.54 -28.78
CA ALA A 385 -7.55 0.47 -27.77
C ALA A 385 -6.81 -0.19 -26.60
N LEU A 386 -6.09 0.59 -25.81
CA LEU A 386 -5.35 0.05 -24.66
C LEU A 386 -6.26 -0.71 -23.69
N THR A 387 -7.49 -0.22 -23.55
CA THR A 387 -8.52 -0.86 -22.73
C THR A 387 -9.01 -2.18 -23.34
N ASP A 388 -8.41 -2.59 -24.44
CA ASP A 388 -8.63 -3.93 -25.01
C ASP A 388 -7.51 -4.88 -24.62
N PHE A 389 -6.45 -4.36 -24.01
CA PHE A 389 -5.33 -5.20 -23.56
C PHE A 389 -5.51 -5.51 -22.09
N PRO A 390 -5.54 -6.83 -21.74
CA PRO A 390 -5.74 -7.24 -20.35
C PRO A 390 -4.65 -6.74 -19.42
N MET A 391 -5.04 -6.29 -18.22
CA MET A 391 -4.09 -5.81 -17.22
C MET A 391 -3.30 -6.98 -16.65
N ALA A 392 -3.88 -8.17 -16.74
CA ALA A 392 -3.24 -9.38 -16.25
C ALA A 392 -3.53 -10.55 -17.18
N VAL A 393 -2.59 -11.49 -17.25
CA VAL A 393 -2.81 -12.76 -17.92
C VAL A 393 -2.65 -13.90 -16.90
N PHE A 394 -3.69 -14.71 -16.80
CA PHE A 394 -3.71 -15.84 -15.88
C PHE A 394 -3.53 -17.11 -16.71
N LYS A 395 -2.63 -17.98 -16.25
CA LYS A 395 -2.36 -19.25 -16.91
C LYS A 395 -3.63 -20.02 -17.28
N SER A 396 -4.67 -19.88 -16.47
CA SER A 396 -5.88 -20.66 -16.63
C SER A 396 -7.15 -19.83 -16.75
N VAL A 397 -7.01 -18.56 -17.14
CA VAL A 397 -8.19 -17.75 -17.47
C VAL A 397 -8.14 -17.21 -18.90
N ASN A 398 -7.16 -16.38 -19.20
CA ASN A 398 -7.08 -15.71 -20.51
C ASN A 398 -5.76 -15.93 -21.24
N ASN A 399 -5.17 -17.10 -21.02
CA ASN A 399 -3.91 -17.47 -21.66
C ASN A 399 -4.17 -18.06 -23.05
N PRO A 400 -3.39 -17.64 -24.07
CA PRO A 400 -2.33 -16.62 -24.08
C PRO A 400 -2.84 -15.25 -24.52
N VAL A 401 -1.97 -14.24 -24.43
CA VAL A 401 -2.24 -12.94 -25.02
C VAL A 401 -1.68 -12.95 -26.43
N THR A 402 -2.53 -12.66 -27.42
CA THR A 402 -2.11 -12.60 -28.82
C THR A 402 -2.05 -11.14 -29.27
N ILE A 403 -0.91 -10.77 -29.84
CA ILE A 403 -0.71 -9.42 -30.37
C ILE A 403 -0.51 -9.48 -31.89
N LYS A 404 -1.34 -8.74 -32.62
CA LYS A 404 -1.20 -8.60 -34.07
C LYS A 404 -0.64 -7.23 -34.38
N PHE A 405 0.37 -7.16 -35.23
CA PHE A 405 0.93 -5.87 -35.63
C PHE A 405 1.49 -5.87 -37.05
N THR A 406 1.46 -4.70 -37.67
CA THR A 406 1.98 -4.52 -39.01
C THR A 406 3.39 -3.94 -38.94
N ALA A 407 4.27 -4.47 -39.79
CA ALA A 407 5.62 -3.97 -39.92
C ALA A 407 5.88 -3.62 -41.38
N THR A 408 6.76 -2.66 -41.60
CA THR A 408 7.25 -2.33 -42.95
C THR A 408 8.54 -3.11 -43.18
N SER A 409 8.99 -3.16 -44.44
CA SER A 409 10.23 -3.84 -44.79
C SER A 409 11.45 -3.23 -44.10
N ALA A 410 11.35 -1.97 -43.71
CA ALA A 410 12.45 -1.29 -43.00
C ALA A 410 12.51 -1.64 -41.50
N GLN A 411 11.52 -2.41 -41.03
CA GLN A 411 11.44 -2.84 -39.63
C GLN A 411 11.69 -4.34 -39.44
N THR A 412 12.32 -4.96 -40.43
CA THR A 412 12.50 -6.41 -40.40
C THR A 412 13.82 -6.87 -39.76
N GLY A 413 14.63 -5.91 -39.31
CA GLY A 413 15.89 -6.19 -38.63
C GLY A 413 15.72 -6.74 -37.22
N ALA A 414 16.81 -6.74 -36.45
CA ALA A 414 16.82 -7.25 -35.09
C ALA A 414 16.01 -6.35 -34.17
N ALA A 415 15.29 -6.96 -33.24
CA ALA A 415 14.48 -6.20 -32.30
C ALA A 415 14.57 -6.82 -30.92
N THR A 416 14.12 -6.04 -29.94
CA THR A 416 13.92 -6.54 -28.61
C THR A 416 12.43 -6.34 -28.32
N LEU A 417 11.73 -7.44 -28.04
CA LEU A 417 10.42 -7.35 -27.44
C LEU A 417 10.59 -7.28 -25.92
N ARG A 418 10.10 -6.20 -25.33
CA ARG A 418 10.19 -6.00 -23.89
C ARG A 418 8.83 -6.22 -23.23
N ILE A 419 8.76 -7.17 -22.31
CA ILE A 419 7.54 -7.43 -21.55
C ILE A 419 7.72 -6.98 -20.10
N GLY A 420 7.19 -5.80 -19.81
CA GLY A 420 7.30 -5.21 -18.47
C GLY A 420 6.11 -5.58 -17.61
N THR A 421 6.39 -6.03 -16.39
CA THR A 421 5.35 -6.45 -15.47
C THR A 421 5.42 -5.64 -14.18
N THR A 422 4.41 -5.78 -13.34
CA THR A 422 4.41 -5.11 -12.04
C THR A 422 4.53 -6.13 -10.90
N LEU A 423 3.76 -7.22 -10.99
CA LEU A 423 3.64 -8.20 -9.90
C LEU A 423 3.33 -9.59 -10.44
N SER A 424 3.93 -10.62 -9.85
CA SER A 424 3.62 -12.00 -10.22
C SER A 424 2.86 -12.77 -9.12
N PHE A 425 2.25 -13.88 -9.51
CA PHE A 425 1.64 -14.82 -8.58
C PHE A 425 1.96 -16.23 -9.05
N ALA A 426 2.27 -17.10 -8.08
CA ALA A 426 2.48 -18.53 -8.30
C ALA A 426 3.48 -18.84 -9.41
N GLY A 427 4.52 -18.02 -9.50
CA GLY A 427 5.63 -18.29 -10.41
C GLY A 427 5.42 -17.76 -11.80
N GLY A 428 4.29 -17.07 -12.01
CA GLY A 428 3.93 -16.52 -13.31
C GLY A 428 4.99 -15.64 -13.93
N ARG A 429 5.37 -15.97 -15.15
CA ARG A 429 6.26 -15.15 -15.98
C ARG A 429 5.98 -15.47 -17.45
N PRO A 430 6.27 -14.53 -18.36
CA PRO A 430 5.95 -14.70 -19.78
C PRO A 430 7.02 -15.39 -20.63
N GLN A 431 6.55 -16.24 -21.54
CA GLN A 431 7.36 -16.77 -22.63
C GLN A 431 6.72 -16.29 -23.94
N ALA A 432 7.51 -15.71 -24.82
CA ALA A 432 6.99 -15.11 -26.05
C ALA A 432 7.32 -15.91 -27.31
N THR A 433 6.33 -16.02 -28.19
CA THR A 433 6.54 -16.47 -29.56
C THR A 433 6.25 -15.27 -30.47
N ILE A 434 7.15 -15.02 -31.41
CA ILE A 434 6.94 -14.01 -32.45
C ILE A 434 7.02 -14.73 -33.77
N ASN A 435 5.90 -14.80 -34.49
CA ASN A 435 5.78 -15.61 -35.70
C ASN A 435 6.12 -17.08 -35.40
N SER A 436 7.10 -17.66 -36.08
CA SER A 436 7.48 -19.05 -35.78
C SER A 436 8.76 -19.11 -34.93
N TYR A 437 8.97 -18.07 -34.14
CA TYR A 437 10.15 -17.98 -33.30
C TYR A 437 9.81 -17.89 -31.81
N THR A 438 10.36 -18.84 -31.04
CA THR A 438 10.05 -18.97 -29.63
C THR A 438 11.21 -18.49 -28.77
N GLY A 439 10.93 -17.51 -27.92
CA GLY A 439 11.88 -17.07 -26.90
C GLY A 439 12.08 -18.12 -25.81
N SER A 440 13.15 -17.96 -25.06
CA SER A 440 13.47 -18.84 -23.94
C SER A 440 12.48 -18.67 -22.79
N ALA A 441 12.29 -19.75 -22.05
CA ALA A 441 11.53 -19.75 -20.82
C ALA A 441 12.37 -19.11 -19.72
N PRO A 442 11.94 -17.96 -19.19
CA PRO A 442 12.68 -17.38 -18.07
C PRO A 442 12.43 -18.19 -16.80
N ALA A 443 13.36 -18.12 -15.86
CA ALA A 443 13.23 -18.81 -14.58
C ALA A 443 12.11 -18.16 -13.78
N ALA A 444 11.64 -18.85 -12.74
CA ALA A 444 10.57 -18.34 -11.88
C ALA A 444 11.01 -17.08 -11.14
N PRO A 445 10.12 -16.07 -11.08
CA PRO A 445 10.42 -14.89 -10.28
C PRO A 445 10.40 -15.21 -8.79
N THR A 446 10.92 -14.29 -7.99
CA THR A 446 10.84 -14.43 -6.54
C THR A 446 9.39 -14.51 -6.09
N ASN A 447 9.09 -15.48 -5.23
CA ASN A 447 7.74 -15.66 -4.73
C ASN A 447 7.49 -14.77 -3.52
N LEU A 448 6.51 -13.88 -3.64
CA LEU A 448 6.16 -12.96 -2.56
C LEU A 448 5.17 -13.58 -1.56
N ASP A 449 4.79 -14.83 -1.81
CA ASP A 449 3.91 -15.64 -0.95
C ASP A 449 2.68 -14.86 -0.49
N SER A 450 1.97 -14.29 -1.45
CA SER A 450 0.84 -13.41 -1.16
C SER A 450 -0.04 -13.30 -2.40
N ARG A 451 -1.35 -13.29 -2.18
CA ARG A 451 -2.29 -12.90 -3.22
C ARG A 451 -2.17 -11.39 -3.45
N GLY A 452 -2.52 -10.93 -4.64
CA GLY A 452 -2.38 -9.51 -4.98
C GLY A 452 -3.44 -9.00 -5.94
N VAL A 453 -3.40 -9.52 -7.16
CA VAL A 453 -4.35 -9.17 -8.21
C VAL A 453 -5.83 -9.45 -7.84
N THR A 454 -6.06 -10.38 -6.92
CA THR A 454 -7.43 -10.67 -6.47
C THR A 454 -7.83 -9.85 -5.24
N ARG A 455 -6.87 -9.07 -4.73
CA ARG A 455 -7.04 -8.27 -3.50
C ARG A 455 -6.65 -6.80 -3.70
N GLY A 456 -6.90 -6.27 -4.90
CA GLY A 456 -6.70 -4.85 -5.21
C GLY A 456 -5.28 -4.33 -5.28
N ALA A 457 -4.31 -5.21 -5.47
CA ALA A 457 -2.89 -4.80 -5.48
C ALA A 457 -2.19 -5.15 -6.79
N TYR A 458 -1.10 -4.44 -7.07
CA TYR A 458 -0.37 -4.59 -8.34
C TYR A 458 1.12 -4.33 -8.15
N ARG A 459 1.49 -3.65 -7.07
CA ARG A 459 2.89 -3.27 -6.86
C ARG A 459 3.72 -4.43 -6.33
N GLY A 460 4.43 -5.09 -7.25
CA GLY A 460 5.33 -6.17 -6.88
C GLY A 460 6.76 -5.77 -7.15
N LEU A 461 7.55 -6.72 -7.62
CA LEU A 461 8.97 -6.50 -7.87
C LEU A 461 9.26 -5.87 -9.22
N GLY A 462 8.23 -5.75 -10.06
CA GLY A 462 8.36 -5.10 -11.36
C GLY A 462 9.26 -5.76 -12.40
N GLU A 463 9.28 -7.08 -12.42
CA GLU A 463 10.14 -7.85 -13.33
C GLU A 463 9.95 -7.46 -14.81
N VAL A 464 11.05 -7.37 -15.53
CA VAL A 464 11.05 -7.04 -16.96
C VAL A 464 11.63 -8.21 -17.74
N TYR A 465 10.93 -8.61 -18.80
CA TYR A 465 11.34 -9.76 -19.61
C TYR A 465 11.60 -9.35 -21.04
N ASP A 466 12.87 -9.40 -21.43
CA ASP A 466 13.30 -9.04 -22.77
C ASP A 466 13.48 -10.27 -23.64
N VAL A 467 13.03 -10.18 -24.89
CA VAL A 467 13.24 -11.25 -25.85
C VAL A 467 13.97 -10.70 -27.08
N SER A 468 15.16 -11.25 -27.35
CA SER A 468 15.93 -10.89 -28.53
C SER A 468 15.31 -11.54 -29.77
N ILE A 469 14.87 -10.70 -30.70
CA ILE A 469 14.29 -11.15 -31.96
C ILE A 469 15.35 -10.97 -33.03
N PRO A 470 15.71 -12.05 -33.74
CA PRO A 470 16.76 -11.97 -34.76
C PRO A 470 16.27 -11.22 -35.99
N SER A 471 17.19 -10.75 -36.80
CA SER A 471 16.86 -10.09 -38.06
C SER A 471 16.16 -11.05 -39.02
N GLY A 472 15.14 -10.56 -39.70
CA GLY A 472 14.34 -11.37 -40.64
C GLY A 472 13.31 -12.29 -40.01
N THR A 473 13.13 -12.19 -38.70
CA THR A 473 12.06 -12.91 -38.01
C THR A 473 10.78 -12.08 -38.05
N ILE A 474 10.94 -10.75 -37.94
CA ILE A 474 9.83 -9.85 -38.21
C ILE A 474 9.73 -9.75 -39.73
N VAL A 475 8.50 -9.76 -40.24
CA VAL A 475 8.24 -9.74 -41.68
C VAL A 475 7.42 -8.52 -42.08
N ALA A 476 7.62 -8.04 -43.31
CA ALA A 476 6.79 -6.98 -43.86
C ALA A 476 5.34 -7.46 -43.98
N GLY A 477 4.43 -6.67 -43.43
CA GLY A 477 3.03 -7.10 -43.33
C GLY A 477 2.66 -7.46 -41.90
N THR A 478 1.68 -8.36 -41.76
CA THR A 478 1.19 -8.78 -40.44
C THR A 478 2.17 -9.71 -39.73
N ASN A 479 2.33 -9.48 -38.44
CA ASN A 479 3.11 -10.34 -37.55
C ASN A 479 2.28 -10.74 -36.33
N THR A 480 2.66 -11.85 -35.70
CA THR A 480 1.96 -12.34 -34.51
C THR A 480 2.92 -12.52 -33.32
N ILE A 481 2.57 -11.93 -32.19
CA ILE A 481 3.26 -12.21 -30.94
C ILE A 481 2.28 -12.97 -30.03
N THR A 482 2.78 -14.03 -29.41
CA THR A 482 2.02 -14.78 -28.43
C THR A 482 2.71 -14.69 -27.08
N ILE A 483 2.02 -14.11 -26.09
CA ILE A 483 2.55 -14.06 -24.74
C ILE A 483 1.86 -15.13 -23.89
N ASN A 484 2.63 -16.16 -23.53
CA ASN A 484 2.15 -17.22 -22.67
C ASN A 484 2.71 -17.01 -21.28
N VAL A 485 1.85 -17.06 -20.27
CA VAL A 485 2.35 -17.12 -18.91
C VAL A 485 2.67 -18.59 -18.61
N ILE A 486 3.91 -18.82 -18.19
CA ILE A 486 4.38 -20.16 -17.84
C ILE A 486 4.67 -20.24 -16.34
N SER A 487 4.64 -21.46 -15.84
CA SER A 487 4.92 -21.75 -14.44
C SER A 487 4.67 -23.23 -14.18
N GLY A 488 5.44 -23.80 -13.26
CA GLY A 488 5.24 -25.18 -12.83
C GLY A 488 4.06 -25.33 -11.88
N SER A 489 3.55 -24.21 -11.37
CA SER A 489 2.43 -24.24 -10.42
C SER A 489 1.07 -24.26 -11.11
N SER A 490 0.04 -24.62 -10.35
CA SER A 490 -1.33 -24.80 -10.84
C SER A 490 -2.29 -24.06 -9.92
N GLY A 491 -3.45 -23.69 -10.45
CA GLY A 491 -4.45 -22.99 -9.66
C GLY A 491 -5.76 -22.87 -10.41
N ASP A 492 -6.84 -22.65 -9.66
CA ASP A 492 -8.16 -22.42 -10.23
C ASP A 492 -8.29 -20.97 -10.61
N THR A 493 -8.86 -20.72 -11.79
CA THR A 493 -9.12 -19.38 -12.33
C THR A 493 -8.07 -18.31 -11.98
N TYR A 494 -8.44 -17.36 -11.13
CA TYR A 494 -7.63 -16.17 -10.87
C TYR A 494 -6.48 -16.41 -9.89
N LEU A 495 -6.46 -17.61 -9.31
CA LEU A 495 -5.37 -18.07 -8.47
C LEU A 495 -4.42 -18.96 -9.25
N SER A 496 -4.67 -19.12 -10.54
CA SER A 496 -3.65 -19.74 -11.41
C SER A 496 -2.46 -18.78 -11.57
N PRO A 497 -1.25 -19.32 -11.83
CA PRO A 497 -0.08 -18.48 -12.08
C PRO A 497 -0.38 -17.34 -13.04
N ASN A 498 0.01 -16.13 -12.63
CA ASN A 498 -0.26 -14.93 -13.42
C ASN A 498 0.75 -13.82 -13.18
N PHE A 499 0.73 -12.82 -14.06
CA PHE A 499 1.40 -11.56 -13.81
C PHE A 499 0.55 -10.42 -14.32
N ILE A 500 0.68 -9.27 -13.64
CA ILE A 500 0.07 -8.02 -14.09
C ILE A 500 1.05 -7.31 -15.02
N PHE A 501 0.53 -6.81 -16.14
CA PHE A 501 1.31 -6.06 -17.11
C PHE A 501 1.63 -4.63 -16.69
N ASP A 502 2.80 -4.17 -17.11
CA ASP A 502 3.20 -2.78 -16.96
C ASP A 502 3.23 -2.12 -18.35
N CYS A 503 4.07 -2.62 -19.24
CA CYS A 503 4.21 -2.10 -20.57
C CYS A 503 4.76 -3.19 -21.47
N VAL A 504 4.26 -3.24 -22.71
CA VAL A 504 4.82 -4.13 -23.73
C VAL A 504 5.32 -3.27 -24.89
N GLU A 505 6.62 -3.35 -25.16
CA GLU A 505 7.25 -2.54 -26.18
C GLU A 505 8.11 -3.37 -27.14
N LEU A 506 8.01 -3.06 -28.42
CA LEU A 506 8.86 -3.63 -29.45
C LEU A 506 9.73 -2.51 -30.04
N PHE A 507 11.05 -2.63 -29.88
CA PHE A 507 11.98 -1.59 -30.32
C PHE A 507 13.23 -2.16 -30.98
N GLN A 508 13.89 -1.33 -31.79
CA GLN A 508 15.09 -1.72 -32.54
C GLN A 508 16.22 -0.73 -32.26
C1 GTR B . -10.50 -14.71 14.45
C2 GTR B . -9.62 -15.08 13.25
C3 GTR B . -8.25 -14.40 13.35
C4 GTR B . -8.41 -12.89 13.57
C5 GTR B . -9.31 -12.63 14.79
C6 GTR B . -9.55 -11.13 15.01
O1 GTR B . -9.96 -15.29 15.62
O2 GTR B . -9.50 -16.48 13.16
O3 GTR B . -7.50 -14.63 12.19
O4 GTR B . -8.93 -12.36 12.47
O5 GTR B . -10.55 -13.29 14.61
O6A GTR B . -10.72 -10.70 14.99
O6B GTR B . -8.56 -10.40 15.20
C1 RAM B . -8.20 -11.48 11.63
C2 RAM B . -8.46 -11.82 10.16
C3 RAM B . -9.85 -11.38 9.70
C4 RAM B . -10.21 -9.98 10.18
C5 RAM B . -9.88 -9.79 11.67
C6 RAM B . -10.14 -8.37 12.16
O2 RAM B . -7.51 -11.18 9.50
O3 RAM B . -9.92 -11.43 8.29
O4 RAM B . -11.60 -9.84 9.98
O5 RAM B . -8.53 -10.13 11.91
C1 GTR B . -6.33 -11.83 9.06
C2 GTR B . -5.13 -10.87 9.10
C3 GTR B . -5.19 -9.89 7.92
C4 GTR B . -5.29 -10.66 6.62
C5 GTR B . -6.60 -11.45 6.67
C6 GTR B . -6.86 -12.23 5.37
O2 GTR B . -5.05 -10.20 10.34
O3 GTR B . -4.06 -9.05 7.92
O4 GTR B . -4.15 -11.27 6.23
O5 GTR B . -6.53 -12.37 7.76
O6A GTR B . -7.35 -13.38 5.44
O6B GTR B . -6.57 -11.67 4.28
C1 RAM B . -3.87 -12.67 6.20
C2 RAM B . -2.88 -13.04 5.09
C3 RAM B . -1.43 -12.78 5.46
C4 RAM B . -1.11 -13.27 6.87
C5 RAM B . -2.15 -12.75 7.88
C6 RAM B . -1.91 -13.26 9.30
O2 RAM B . -3.18 -14.33 4.88
O3 RAM B . -0.59 -13.41 4.53
O4 RAM B . 0.18 -12.84 7.24
O5 RAM B . -3.45 -13.15 7.47
C1 GTR B . -4.09 -14.90 3.97
C2 GTR B . -4.36 -16.36 4.34
C3 GTR B . -3.15 -17.23 4.03
C4 GTR B . -2.75 -17.04 2.57
C5 GTR B . -2.44 -15.55 2.33
C6 GTR B . -2.00 -15.30 0.89
O2 GTR B . -4.66 -16.45 5.71
O3 GTR B . -3.42 -18.58 4.30
O4 GTR B . -3.70 -17.47 1.73
O5 GTR B . -3.59 -14.78 2.65
O6A GTR B . -2.64 -14.45 0.24
O6B GTR B . -1.05 -15.97 0.42
C1 RAM B . -3.57 -18.34 0.63
C2 RAM B . -3.47 -19.78 1.12
C3 RAM B . -4.81 -20.23 1.71
C4 RAM B . -5.96 -20.01 0.73
C5 RAM B . -5.93 -18.58 0.16
C6 RAM B . -6.90 -18.46 -1.02
O2 RAM B . -3.11 -20.59 0.02
O3 RAM B . -4.73 -21.57 2.11
O4 RAM B . -7.21 -20.27 1.36
O5 RAM B . -4.64 -18.20 -0.29
CA CA C . 2.34 0.81 -17.25
S SO4 D . -16.32 17.91 15.37
O1 SO4 D . -16.52 17.14 16.59
O2 SO4 D . -17.20 17.42 14.31
O3 SO4 D . -16.62 19.33 15.61
O4 SO4 D . -14.94 17.81 14.92
S SO4 E . -2.59 -26.99 -15.10
O1 SO4 E . -2.86 -27.52 -13.76
O2 SO4 E . -3.56 -27.53 -16.05
O3 SO4 E . -2.68 -25.53 -15.06
O4 SO4 E . -1.24 -27.38 -15.52
S SO4 F . 8.87 -23.49 -12.16
O1 SO4 F . 8.43 -24.89 -12.10
O2 SO4 F . 9.68 -23.34 -13.36
O3 SO4 F . 7.70 -22.60 -12.21
O4 SO4 F . 9.68 -23.21 -10.98
#